data_6SL9
#
_entry.id   6SL9
#
_cell.length_a   88.497
_cell.length_b   88.497
_cell.length_c   88.497
_cell.angle_alpha   90.000
_cell.angle_beta   90.000
_cell.angle_gamma   90.000
#
_symmetry.space_group_name_H-M   'P 21 3'
#
loop_
_entity.id
_entity.type
_entity.pdbx_description
1 polymer 'Enoyl-CoA hydratase/carnithine racemase'
2 non-polymer GLYCEROL
3 water water
#
_entity_poly.entity_id   1
_entity_poly.type   'polypeptide(L)'
_entity_poly.pdbx_seq_one_letter_code
;SNIGMILKERQDGVLVLTLNRPEKLNAITGELLDALYAALKEGEEDREVRALLLTGAGRAFSAGQDLTEFGDRKPDYEAH
LRRYNRVVEALSGLEKPLVVAVNGVAAGAGMSLALWGDLRLAAVGASFTTAFVRIGLVPDSGLSFLLPRLVGLAKAQELL
LLSPRLSAEEALALGLVHRVVPAEKLMEEALSLAKELAQGPTRAYALTKKLLLETYRLSLTEALALEAVLQGQAGQTQDH
EEGVRAFREKRPPRFQGR
;
_entity_poly.pdbx_strand_id   AAA
#
loop_
_chem_comp.id
_chem_comp.type
_chem_comp.name
_chem_comp.formula
GOL non-polymer GLYCEROL 'C3 H8 O3'
#
# COMPACT_ATOMS: atom_id res chain seq x y z
N SER A 1 -23.61 -3.35 1.30
CA SER A 1 -22.94 -2.17 1.86
C SER A 1 -22.41 -2.50 3.24
N ASN A 2 -21.51 -1.69 3.73
CA ASN A 2 -21.11 -1.82 5.17
C ASN A 2 -20.75 -0.43 5.69
N ILE A 3 -21.04 -0.17 6.93
CA ILE A 3 -20.76 1.15 7.52
C ILE A 3 -19.26 1.39 7.50
N GLY A 4 -18.87 2.50 6.89
CA GLY A 4 -17.48 2.91 6.73
C GLY A 4 -16.82 2.43 5.44
N MET A 5 -17.41 1.44 4.74
CA MET A 5 -17.04 1.10 3.36
C MET A 5 -15.68 0.36 3.33
N ILE A 6 -15.22 -0.23 4.44
CA ILE A 6 -14.00 -1.08 4.44
C ILE A 6 -14.40 -2.46 4.95
N LEU A 7 -14.50 -3.42 4.06
CA LEU A 7 -14.77 -4.81 4.50
C LEU A 7 -13.50 -5.38 5.09
N LYS A 8 -13.66 -6.22 6.10
CA LYS A 8 -12.53 -6.86 6.78
C LYS A 8 -12.79 -8.35 6.88
N GLU A 9 -11.79 -9.15 6.58
CA GLU A 9 -11.90 -10.59 6.82
C GLU A 9 -10.48 -11.10 7.11
N ARG A 10 -10.35 -12.01 8.05
CA ARG A 10 -9.07 -12.63 8.36
C ARG A 10 -9.06 -14.02 7.73
N GLN A 11 -8.00 -14.31 6.99
CA GLN A 11 -7.74 -15.64 6.41
C GLN A 11 -6.35 -16.05 6.93
N ASP A 12 -6.27 -17.05 7.80
CA ASP A 12 -4.99 -17.38 8.48
C ASP A 12 -4.43 -16.13 9.16
N GLY A 13 -3.21 -15.81 8.76
CA GLY A 13 -2.45 -14.68 9.29
C GLY A 13 -2.62 -13.39 8.49
N VAL A 14 -3.58 -13.35 7.57
CA VAL A 14 -3.78 -12.20 6.67
C VAL A 14 -5.08 -11.48 7.02
N LEU A 15 -5.00 -10.17 7.19
CA LEU A 15 -6.21 -9.34 7.23
C LEU A 15 -6.44 -8.81 5.81
N VAL A 16 -7.60 -9.18 5.25
CA VAL A 16 -8.02 -8.75 3.92
C VAL A 16 -8.96 -7.57 4.07
N LEU A 17 -8.56 -6.47 3.50
CA LEU A 17 -9.33 -5.21 3.48
C LEU A 17 -9.83 -4.93 2.08
N THR A 18 -11.12 -4.65 1.94
CA THR A 18 -11.73 -4.41 0.64
C THR A 18 -12.44 -3.07 0.67
N LEU A 19 -11.98 -2.16 -0.19
CA LEU A 19 -12.70 -0.89 -0.40
C LEU A 19 -14.09 -1.23 -0.96
N ASN A 20 -15.14 -0.70 -0.33
CA ASN A 20 -16.50 -1.23 -0.62
C ASN A 20 -17.50 -0.08 -0.80
N ARG A 21 -17.31 0.67 -1.88
CA ARG A 21 -18.33 1.58 -2.41
C ARG A 21 -18.43 1.37 -3.90
N PRO A 22 -18.79 0.14 -4.33
CA PRO A 22 -18.58 -0.19 -5.74
C PRO A 22 -19.42 0.61 -6.72
N GLU A 23 -20.58 1.04 -6.26
CA GLU A 23 -21.52 1.86 -7.05
C GLU A 23 -20.94 3.22 -7.38
N LYS A 24 -19.94 3.67 -6.64
CA LYS A 24 -19.20 4.93 -6.89
C LYS A 24 -17.71 4.63 -7.16
N LEU A 25 -17.41 3.43 -7.65
CA LEU A 25 -16.01 3.06 -8.02
C LEU A 25 -15.09 3.26 -6.83
N ASN A 26 -15.57 2.91 -5.66
CA ASN A 26 -14.77 3.00 -4.41
C ASN A 26 -14.16 4.37 -4.24
N ALA A 27 -14.93 5.39 -4.55
CA ALA A 27 -14.48 6.77 -4.42
C ALA A 27 -14.16 7.06 -2.97
N ILE A 28 -13.09 7.82 -2.77
N ILE A 28 -13.06 7.77 -2.77
CA ILE A 28 -12.56 8.12 -1.42
CA ILE A 28 -12.51 8.09 -1.42
C ILE A 28 -13.30 9.29 -0.77
C ILE A 28 -13.29 9.26 -0.78
N THR A 29 -13.67 9.11 0.49
CA THR A 29 -14.23 10.17 1.34
C THR A 29 -13.51 10.13 2.69
N GLY A 30 -13.70 11.20 3.45
CA GLY A 30 -13.14 11.23 4.81
C GLY A 30 -13.68 10.08 5.63
N GLU A 31 -14.97 9.77 5.48
CA GLU A 31 -15.55 8.64 6.22
C GLU A 31 -14.81 7.33 5.88
N LEU A 32 -14.63 7.09 4.60
CA LEU A 32 -13.89 5.90 4.14
C LEU A 32 -12.48 5.88 4.71
N LEU A 33 -11.82 7.02 4.67
CA LEU A 33 -10.42 7.10 5.18
C LEU A 33 -10.38 6.85 6.67
N ASP A 34 -11.37 7.38 7.44
CA ASP A 34 -11.38 7.05 8.88
C ASP A 34 -11.51 5.52 9.06
N ALA A 35 -12.38 4.87 8.27
CA ALA A 35 -12.60 3.42 8.39
C ALA A 35 -11.32 2.67 7.95
N LEU A 36 -10.61 3.15 6.94
CA LEU A 36 -9.37 2.51 6.51
C LEU A 36 -8.31 2.62 7.59
N TYR A 37 -8.14 3.79 8.16
CA TYR A 37 -7.23 4.03 9.28
C TYR A 37 -7.55 3.02 10.40
N ALA A 38 -8.83 2.95 10.79
CA ALA A 38 -9.23 2.10 11.91
C ALA A 38 -8.87 0.64 11.59
N ALA A 39 -9.09 0.20 10.35
CA ALA A 39 -8.84 -1.20 9.96
C ALA A 39 -7.34 -1.48 9.96
N LEU A 40 -6.53 -0.56 9.43
CA LEU A 40 -5.04 -0.68 9.49
C LEU A 40 -4.55 -0.77 10.93
N LYS A 41 -5.11 0.11 11.75
CA LYS A 41 -4.74 0.08 13.18
C LYS A 41 -5.12 -1.26 13.82
N GLU A 42 -6.33 -1.73 13.56
CA GLU A 42 -6.78 -3.03 14.16
C GLU A 42 -5.86 -4.15 13.67
N GLY A 43 -5.53 -4.17 12.38
CA GLY A 43 -4.67 -5.20 11.85
C GLY A 43 -3.28 -5.14 12.48
N GLU A 44 -2.72 -3.96 12.63
CA GLU A 44 -1.40 -3.81 13.25
C GLU A 44 -1.42 -4.27 14.71
N GLU A 45 -2.49 -3.99 15.44
CA GLU A 45 -2.59 -4.37 16.88
C GLU A 45 -2.90 -5.88 17.04
N ASP A 46 -3.45 -6.55 16.04
CA ASP A 46 -3.97 -7.92 16.16
C ASP A 46 -2.79 -8.89 16.08
N ARG A 47 -2.51 -9.60 17.17
CA ARG A 47 -1.35 -10.53 17.20
C ARG A 47 -1.61 -11.75 16.28
N GLU A 48 -2.83 -11.98 15.82
CA GLU A 48 -3.11 -13.08 14.87
C GLU A 48 -2.87 -12.66 13.41
N VAL A 49 -2.58 -11.38 13.18
CA VAL A 49 -2.34 -10.83 11.83
C VAL A 49 -0.85 -10.61 11.62
N ARG A 50 -0.30 -11.18 10.54
CA ARG A 50 1.11 -10.97 10.19
C ARG A 50 1.26 -10.30 8.84
N ALA A 51 0.19 -10.14 8.08
CA ALA A 51 0.24 -9.46 6.78
C ALA A 51 -1.13 -8.89 6.48
N LEU A 52 -1.20 -7.87 5.63
CA LEU A 52 -2.46 -7.28 5.19
C LEU A 52 -2.52 -7.35 3.66
N LEU A 53 -3.75 -7.43 3.17
CA LEU A 53 -4.03 -7.45 1.72
C LEU A 53 -5.13 -6.40 1.48
N LEU A 54 -4.94 -5.47 0.56
CA LEU A 54 -5.90 -4.41 0.23
C LEU A 54 -6.31 -4.57 -1.22
N THR A 55 -7.61 -4.53 -1.44
CA THR A 55 -8.20 -4.61 -2.78
C THR A 55 -9.49 -3.79 -2.84
N GLY A 56 -10.12 -3.75 -4.00
CA GLY A 56 -11.40 -3.06 -4.18
C GLY A 56 -12.51 -4.01 -4.56
N ALA A 57 -13.72 -3.62 -4.22
CA ALA A 57 -14.94 -4.31 -4.67
C ALA A 57 -15.38 -3.81 -6.03
N GLY A 58 -16.01 -4.67 -6.79
CA GLY A 58 -16.60 -4.22 -8.04
C GLY A 58 -15.57 -4.02 -9.13
N ARG A 59 -15.87 -3.13 -10.06
CA ARG A 59 -15.02 -3.07 -11.26
C ARG A 59 -13.76 -2.23 -11.03
N ALA A 60 -13.75 -1.34 -10.03
CA ALA A 60 -12.61 -0.46 -9.73
C ALA A 60 -11.84 -0.92 -8.51
N PHE A 61 -10.57 -0.55 -8.50
CA PHE A 61 -9.80 -0.50 -7.23
C PHE A 61 -10.29 0.77 -6.50
N SER A 62 -9.99 1.95 -7.03
CA SER A 62 -10.64 3.20 -6.57
C SER A 62 -10.40 4.27 -7.60
N ALA A 63 -11.49 4.97 -7.90
CA ALA A 63 -11.42 6.15 -8.82
C ALA A 63 -10.93 7.44 -8.15
N GLY A 64 -10.56 7.37 -6.87
CA GLY A 64 -10.01 8.52 -6.17
C GLY A 64 -11.09 9.32 -5.49
N GLN A 65 -10.76 10.56 -5.15
CA GLN A 65 -11.62 11.40 -4.31
C GLN A 65 -13.01 11.53 -4.89
N ASP A 66 -14.01 11.37 -4.01
CA ASP A 66 -15.40 11.70 -4.33
C ASP A 66 -15.57 13.23 -4.36
N LEU A 67 -15.75 13.83 -5.53
CA LEU A 67 -15.85 15.31 -5.60
C LEU A 67 -17.09 15.86 -4.90
N THR A 68 -18.08 15.02 -4.63
CA THR A 68 -19.34 15.43 -3.95
C THR A 68 -19.11 15.60 -2.45
N GLU A 69 -17.96 15.18 -1.90
CA GLU A 69 -17.72 15.40 -0.45
C GLU A 69 -17.74 16.88 -0.08
N PHE A 70 -17.31 17.74 -1.01
CA PHE A 70 -17.15 19.20 -0.81
C PHE A 70 -18.43 19.93 -1.22
N GLY A 71 -18.73 20.99 -0.49
CA GLY A 71 -19.88 21.81 -0.86
C GLY A 71 -19.60 22.51 -2.18
N ASP A 72 -20.37 23.55 -2.43
CA ASP A 72 -20.17 24.50 -3.54
C ASP A 72 -19.23 25.60 -3.00
N ARG A 73 -18.96 25.66 -1.68
CA ARG A 73 -18.01 26.65 -1.05
C ARG A 73 -16.62 26.52 -1.70
N LYS A 74 -15.82 27.62 -1.72
CA LYS A 74 -14.39 27.54 -2.13
C LYS A 74 -13.75 26.45 -1.29
N PRO A 75 -13.21 25.33 -1.83
CA PRO A 75 -12.62 24.28 -0.99
C PRO A 75 -11.34 24.70 -0.28
N ASP A 76 -11.11 24.00 0.82
CA ASP A 76 -9.92 24.17 1.66
C ASP A 76 -9.21 22.82 1.64
N TYR A 77 -8.48 22.53 0.59
CA TYR A 77 -7.80 21.22 0.50
C TYR A 77 -6.64 21.13 1.49
N GLU A 78 -6.01 22.25 1.86
CA GLU A 78 -4.95 22.17 2.87
C GLU A 78 -5.52 21.57 4.15
N ALA A 79 -6.65 22.11 4.60
CA ALA A 79 -7.21 21.57 5.87
C ALA A 79 -7.65 20.10 5.71
N HIS A 80 -8.23 19.78 4.57
CA HIS A 80 -8.72 18.41 4.34
C HIS A 80 -7.52 17.43 4.37
N LEU A 81 -6.48 17.75 3.63
CA LEU A 81 -5.30 16.86 3.58
C LEU A 81 -4.56 16.84 4.89
N ARG A 82 -4.49 17.97 5.61
CA ARG A 82 -3.82 17.90 6.91
C ARG A 82 -4.59 16.94 7.81
N ARG A 83 -5.91 16.95 7.75
CA ARG A 83 -6.72 16.03 8.57
C ARG A 83 -6.48 14.59 8.15
N TYR A 84 -6.57 14.28 6.86
CA TYR A 84 -6.58 12.87 6.40
C TYR A 84 -5.19 12.34 6.04
N ASN A 85 -4.13 13.16 6.15
CA ASN A 85 -2.77 12.67 5.80
C ASN A 85 -2.34 11.61 6.81
N ARG A 86 -2.95 11.55 7.98
CA ARG A 86 -2.61 10.50 8.95
C ARG A 86 -2.83 9.10 8.33
N VAL A 87 -3.76 8.97 7.43
CA VAL A 87 -4.00 7.64 6.84
C VAL A 87 -2.81 7.19 5.98
N VAL A 88 -2.26 8.12 5.21
CA VAL A 88 -1.03 7.81 4.45
C VAL A 88 0.13 7.56 5.39
N GLU A 89 0.23 8.34 6.46
CA GLU A 89 1.26 8.06 7.47
C GLU A 89 1.10 6.62 7.98
N ALA A 90 -0.12 6.21 8.28
CA ALA A 90 -0.39 4.86 8.79
C ALA A 90 0.06 3.82 7.77
N LEU A 91 -0.30 3.99 6.50
CA LEU A 91 0.15 3.02 5.50
C LEU A 91 1.67 3.02 5.47
N SER A 92 2.28 4.19 5.47
CA SER A 92 3.74 4.26 5.21
C SER A 92 4.52 3.53 6.28
N GLY A 93 4.04 3.60 7.52
CA GLY A 93 4.78 3.08 8.69
C GLY A 93 4.29 1.74 9.18
N LEU A 94 3.31 1.15 8.52
N LEU A 94 3.31 1.14 8.53
CA LEU A 94 2.74 -0.17 8.93
CA LEU A 94 2.68 -0.12 9.01
C LEU A 94 3.86 -1.12 9.34
C LEU A 94 3.80 -1.14 9.32
N GLU A 95 3.72 -1.76 10.48
CA GLU A 95 4.78 -2.66 10.96
C GLU A 95 4.50 -4.11 10.58
N LYS A 96 3.72 -4.32 9.52
CA LYS A 96 3.42 -5.61 8.89
C LYS A 96 3.44 -5.37 7.38
N PRO A 97 3.79 -6.38 6.59
CA PRO A 97 3.81 -6.21 5.15
C PRO A 97 2.39 -6.09 4.58
N LEU A 98 2.28 -5.28 3.53
CA LEU A 98 1.01 -4.99 2.83
C LEU A 98 1.14 -5.40 1.37
N VAL A 99 0.23 -6.25 0.97
CA VAL A 99 0.06 -6.61 -0.45
C VAL A 99 -1.14 -5.82 -0.95
N VAL A 100 -1.02 -5.25 -2.17
CA VAL A 100 -2.18 -4.59 -2.83
C VAL A 100 -2.53 -5.40 -4.07
N ALA A 101 -3.81 -5.65 -4.28
CA ALA A 101 -4.35 -6.34 -5.46
C ALA A 101 -5.22 -5.34 -6.21
N VAL A 102 -4.68 -4.80 -7.31
CA VAL A 102 -5.36 -3.77 -8.11
C VAL A 102 -6.30 -4.44 -9.14
N ASN A 103 -7.58 -4.50 -8.79
CA ASN A 103 -8.59 -5.25 -9.54
C ASN A 103 -9.20 -4.48 -10.68
N GLY A 104 -8.97 -3.18 -10.76
CA GLY A 104 -9.56 -2.33 -11.81
C GLY A 104 -8.94 -0.95 -11.76
N VAL A 105 -9.68 0.04 -12.16
CA VAL A 105 -9.08 1.38 -12.30
C VAL A 105 -8.60 1.81 -10.92
N ALA A 106 -7.40 2.40 -10.93
CA ALA A 106 -6.79 3.11 -9.80
C ALA A 106 -6.44 4.51 -10.31
N ALA A 107 -7.18 5.51 -9.87
CA ALA A 107 -7.01 6.88 -10.39
C ALA A 107 -6.90 7.87 -9.22
N GLY A 108 -6.12 8.92 -9.42
CA GLY A 108 -6.02 9.97 -8.39
C GLY A 108 -5.54 9.40 -7.08
N ALA A 109 -6.22 9.70 -6.00
CA ALA A 109 -5.84 9.13 -4.68
C ALA A 109 -6.03 7.62 -4.65
N GLY A 110 -6.84 7.07 -5.55
CA GLY A 110 -6.90 5.59 -5.63
C GLY A 110 -5.58 5.02 -6.12
N MET A 111 -4.93 5.70 -7.07
CA MET A 111 -3.58 5.32 -7.52
C MET A 111 -2.60 5.53 -6.35
N SER A 112 -2.68 6.67 -5.65
CA SER A 112 -1.83 6.89 -4.47
C SER A 112 -1.92 5.73 -3.49
N LEU A 113 -3.15 5.32 -3.14
CA LEU A 113 -3.35 4.28 -2.13
C LEU A 113 -2.76 2.96 -2.62
N ALA A 114 -2.99 2.62 -3.91
CA ALA A 114 -2.52 1.33 -4.46
C ALA A 114 -1.00 1.27 -4.35
N LEU A 115 -0.32 2.39 -4.57
CA LEU A 115 1.15 2.40 -4.66
C LEU A 115 1.81 2.30 -3.30
N TRP A 116 1.04 2.38 -2.22
CA TRP A 116 1.58 2.16 -0.87
C TRP A 116 1.75 0.68 -0.55
N GLY A 117 1.23 -0.24 -1.37
CA GLY A 117 1.54 -1.63 -1.11
C GLY A 117 3.03 -1.87 -1.14
N ASP A 118 3.55 -2.76 -0.31
CA ASP A 118 4.96 -3.21 -0.39
C ASP A 118 5.19 -4.09 -1.61
N LEU A 119 4.23 -4.97 -1.87
CA LEU A 119 4.18 -5.82 -3.07
C LEU A 119 2.82 -5.61 -3.70
N ARG A 120 2.83 -5.39 -5.01
CA ARG A 120 1.62 -4.93 -5.72
C ARG A 120 1.38 -5.82 -6.94
N LEU A 121 0.15 -6.28 -7.07
CA LEU A 121 -0.30 -7.10 -8.21
C LEU A 121 -1.44 -6.38 -8.88
N ALA A 122 -1.57 -6.56 -10.19
CA ALA A 122 -2.71 -6.02 -10.93
C ALA A 122 -3.36 -7.12 -11.74
N ALA A 123 -4.68 -7.05 -11.88
CA ALA A 123 -5.42 -7.84 -12.85
C ALA A 123 -5.12 -7.34 -14.24
N VAL A 124 -5.14 -8.26 -15.18
CA VAL A 124 -5.28 -7.89 -16.60
C VAL A 124 -6.57 -7.07 -16.66
N GLY A 125 -6.52 -5.93 -17.28
CA GLY A 125 -7.68 -5.06 -17.41
C GLY A 125 -7.63 -3.91 -16.46
N ALA A 126 -6.85 -4.03 -15.37
CA ALA A 126 -6.75 -2.91 -14.41
C ALA A 126 -6.02 -1.76 -15.11
N SER A 127 -6.04 -0.58 -14.50
CA SER A 127 -5.38 0.59 -15.10
C SER A 127 -5.00 1.55 -14.02
N PHE A 128 -4.05 2.40 -14.36
CA PHE A 128 -3.56 3.44 -13.45
C PHE A 128 -3.57 4.78 -14.16
N THR A 129 -4.15 5.78 -13.54
CA THR A 129 -4.16 7.14 -14.16
C THR A 129 -3.92 8.15 -13.01
N THR A 130 -2.94 9.02 -13.16
CA THR A 130 -2.68 9.94 -12.06
C THR A 130 -3.88 10.85 -11.84
N ALA A 131 -4.52 11.33 -12.89
CA ALA A 131 -5.84 12.00 -12.91
C ALA A 131 -5.90 13.41 -12.33
N PHE A 132 -5.15 13.72 -11.28
CA PHE A 132 -5.27 15.01 -10.58
C PHE A 132 -5.21 16.18 -11.59
N VAL A 133 -4.29 16.15 -12.53
CA VAL A 133 -4.08 17.30 -13.43
C VAL A 133 -5.32 17.55 -14.29
N ARG A 134 -6.14 16.51 -14.54
CA ARG A 134 -7.31 16.67 -15.40
C ARG A 134 -8.38 17.52 -14.75
N ILE A 135 -8.31 17.69 -13.43
CA ILE A 135 -9.21 18.64 -12.72
C ILE A 135 -8.43 19.80 -12.09
N GLY A 136 -7.23 20.06 -12.63
CA GLY A 136 -6.46 21.24 -12.20
C GLY A 136 -5.82 21.12 -10.82
N LEU A 137 -5.56 19.88 -10.39
CA LEU A 137 -4.95 19.65 -9.06
C LEU A 137 -3.57 19.04 -9.21
N VAL A 138 -2.88 19.03 -8.08
CA VAL A 138 -1.54 18.39 -7.99
C VAL A 138 -1.65 17.00 -7.40
N PRO A 139 -0.63 16.15 -7.51
CA PRO A 139 -0.66 14.86 -6.84
C PRO A 139 -0.73 15.04 -5.33
N ASP A 140 -1.58 14.24 -4.67
CA ASP A 140 -1.64 14.23 -3.21
C ASP A 140 -1.65 12.81 -2.70
N SER A 141 -1.88 12.69 -1.39
CA SER A 141 -1.94 11.41 -0.70
C SER A 141 -0.64 10.63 -0.89
N GLY A 142 0.48 11.33 -0.98
CA GLY A 142 1.79 10.75 -1.10
C GLY A 142 2.21 10.41 -2.53
N LEU A 143 1.37 10.71 -3.53
CA LEU A 143 1.75 10.29 -4.90
C LEU A 143 3.00 11.08 -5.32
N SER A 144 3.18 12.35 -4.89
CA SER A 144 4.37 13.09 -5.33
C SER A 144 5.66 12.50 -4.72
N PHE A 145 5.54 11.82 -3.60
CA PHE A 145 6.65 11.12 -2.91
C PHE A 145 6.88 9.81 -3.63
N LEU A 146 5.85 8.99 -3.73
CA LEU A 146 6.04 7.63 -4.24
C LEU A 146 6.36 7.56 -5.70
N LEU A 147 5.69 8.34 -6.55
CA LEU A 147 5.82 8.07 -7.98
C LEU A 147 7.24 8.23 -8.51
N PRO A 148 7.96 9.31 -8.20
CA PRO A 148 9.30 9.41 -8.73
C PRO A 148 10.23 8.31 -8.19
N ARG A 149 10.01 7.89 -6.93
CA ARG A 149 10.85 6.80 -6.35
C ARG A 149 10.57 5.48 -7.09
N LEU A 150 9.29 5.20 -7.43
CA LEU A 150 8.90 3.91 -8.04
C LEU A 150 9.26 3.87 -9.52
N VAL A 151 9.14 4.94 -10.28
CA VAL A 151 9.23 4.88 -11.76
C VAL A 151 10.36 5.80 -12.25
N GLY A 152 11.01 6.55 -11.39
CA GLY A 152 12.03 7.55 -11.76
C GLY A 152 11.40 8.88 -12.16
N LEU A 153 12.19 9.93 -12.17
CA LEU A 153 11.65 11.28 -12.41
C LEU A 153 11.12 11.42 -13.86
N ALA A 154 11.78 10.81 -14.82
CA ALA A 154 11.37 11.04 -16.23
C ALA A 154 9.96 10.52 -16.46
N LYS A 155 9.69 9.32 -15.99
CA LYS A 155 8.31 8.79 -16.16
C LYS A 155 7.32 9.49 -15.24
N ALA A 156 7.75 9.88 -14.05
CA ALA A 156 6.85 10.61 -13.15
C ALA A 156 6.42 11.92 -13.83
N GLN A 157 7.32 12.63 -14.50
CA GLN A 157 6.92 13.90 -15.22
C GLN A 157 5.83 13.62 -16.20
N GLU A 158 6.04 12.61 -17.04
CA GLU A 158 5.04 12.35 -18.12
C GLU A 158 3.70 11.93 -17.47
N LEU A 159 3.78 11.00 -16.51
CA LEU A 159 2.55 10.43 -15.95
C LEU A 159 1.76 11.53 -15.25
N LEU A 160 2.43 12.42 -14.54
CA LEU A 160 1.71 13.44 -13.78
C LEU A 160 1.22 14.58 -14.67
N LEU A 161 2.05 15.05 -15.58
CA LEU A 161 1.69 16.25 -16.37
C LEU A 161 0.70 15.90 -17.48
N LEU A 162 0.80 14.71 -18.07
CA LEU A 162 -0.10 14.37 -19.17
C LEU A 162 -1.22 13.42 -18.73
N SER A 163 -1.13 12.78 -17.57
CA SER A 163 -2.16 11.85 -17.05
C SER A 163 -2.63 10.84 -18.10
N PRO A 164 -1.73 10.10 -18.75
CA PRO A 164 -2.16 8.98 -19.58
C PRO A 164 -2.79 7.89 -18.70
N ARG A 165 -3.61 7.08 -19.32
CA ARG A 165 -4.13 5.85 -18.71
C ARG A 165 -3.14 4.76 -19.02
N LEU A 166 -2.63 4.11 -18.01
CA LEU A 166 -1.71 2.99 -18.16
C LEU A 166 -2.43 1.67 -17.96
N SER A 167 -2.18 0.74 -18.86
CA SER A 167 -2.62 -0.67 -18.72
C SER A 167 -1.83 -1.35 -17.61
N ALA A 168 -2.30 -2.52 -17.21
CA ALA A 168 -1.58 -3.33 -16.20
C ALA A 168 -0.18 -3.65 -16.74
N GLU A 169 -0.11 -4.02 -18.02
CA GLU A 169 1.19 -4.42 -18.59
C GLU A 169 2.17 -3.23 -18.63
N GLU A 170 1.67 -2.05 -18.92
CA GLU A 170 2.52 -0.84 -18.85
C GLU A 170 2.94 -0.58 -17.41
N ALA A 171 2.03 -0.75 -16.46
CA ALA A 171 2.32 -0.54 -15.03
C ALA A 171 3.43 -1.48 -14.61
N LEU A 172 3.36 -2.73 -15.07
CA LEU A 172 4.39 -3.71 -14.72
C LEU A 172 5.75 -3.25 -15.27
N ALA A 173 5.81 -2.82 -16.50
CA ALA A 173 7.10 -2.39 -17.11
C ALA A 173 7.67 -1.20 -16.34
N LEU A 174 6.84 -0.34 -15.78
CA LEU A 174 7.34 0.86 -15.07
C LEU A 174 7.72 0.58 -13.61
N GLY A 175 7.27 -0.53 -13.03
CA GLY A 175 7.40 -0.76 -11.56
C GLY A 175 6.21 -0.30 -10.75
N LEU A 176 5.13 0.17 -11.36
CA LEU A 176 3.90 0.45 -10.55
C LEU A 176 3.35 -0.83 -9.93
N VAL A 177 3.51 -1.95 -10.60
CA VAL A 177 3.17 -3.26 -9.97
C VAL A 177 4.33 -4.22 -10.17
N HIS A 178 4.35 -5.27 -9.38
CA HIS A 178 5.36 -6.36 -9.45
C HIS A 178 4.90 -7.56 -10.29
N ARG A 179 3.60 -7.74 -10.45
CA ARG A 179 3.04 -8.89 -11.15
C ARG A 179 1.69 -8.51 -11.76
N VAL A 180 1.41 -9.09 -12.92
CA VAL A 180 0.09 -9.03 -13.62
C VAL A 180 -0.47 -10.43 -13.71
N VAL A 181 -1.73 -10.60 -13.36
CA VAL A 181 -2.38 -11.92 -13.39
C VAL A 181 -3.77 -11.77 -13.93
N PRO A 182 -4.32 -12.85 -14.54
CA PRO A 182 -5.68 -12.79 -15.05
C PRO A 182 -6.64 -12.36 -13.91
N ALA A 183 -7.69 -11.61 -14.28
CA ALA A 183 -8.65 -11.04 -13.30
C ALA A 183 -9.20 -12.15 -12.41
N GLU A 184 -9.54 -13.32 -12.96
CA GLU A 184 -10.19 -14.41 -12.17
C GLU A 184 -9.21 -15.02 -11.16
N LYS A 185 -7.91 -14.79 -11.30
CA LYS A 185 -6.85 -15.37 -10.43
C LYS A 185 -6.21 -14.33 -9.50
N LEU A 186 -6.57 -13.06 -9.64
CA LEU A 186 -5.85 -12.00 -8.90
C LEU A 186 -5.96 -12.27 -7.40
N MET A 187 -7.14 -12.47 -6.85
CA MET A 187 -7.26 -12.60 -5.39
C MET A 187 -6.58 -13.89 -4.90
N GLU A 188 -6.67 -14.98 -5.66
CA GLU A 188 -5.97 -16.23 -5.27
C GLU A 188 -4.46 -15.97 -5.20
N GLU A 189 -3.91 -15.32 -6.19
CA GLU A 189 -2.45 -15.10 -6.24
C GLU A 189 -2.07 -14.09 -5.13
N ALA A 190 -2.83 -13.04 -4.97
CA ALA A 190 -2.47 -11.99 -3.99
C ALA A 190 -2.56 -12.61 -2.59
N LEU A 191 -3.59 -13.41 -2.34
CA LEU A 191 -3.75 -14.07 -1.02
C LEU A 191 -2.60 -15.06 -0.78
N SER A 192 -2.21 -15.83 -1.76
CA SER A 192 -1.10 -16.78 -1.62
C SER A 192 0.15 -16.00 -1.21
N LEU A 193 0.45 -14.90 -1.89
CA LEU A 193 1.66 -14.12 -1.56
C LEU A 193 1.52 -13.55 -0.13
N ALA A 194 0.38 -12.98 0.22
CA ALA A 194 0.15 -12.44 1.57
C ALA A 194 0.32 -13.53 2.62
N LYS A 195 -0.14 -14.76 2.34
CA LYS A 195 0.01 -15.87 3.31
C LYS A 195 1.49 -16.23 3.46
N GLU A 196 2.26 -16.17 2.39
CA GLU A 196 3.71 -16.46 2.47
C GLU A 196 4.34 -15.38 3.34
N LEU A 197 3.98 -14.12 3.11
CA LEU A 197 4.53 -13.02 3.94
C LEU A 197 4.11 -13.18 5.39
N ALA A 198 2.91 -13.68 5.64
CA ALA A 198 2.41 -13.87 7.00
C ALA A 198 3.16 -15.01 7.73
N GLN A 199 4.01 -15.78 7.03
CA GLN A 199 4.89 -16.79 7.66
C GLN A 199 6.30 -16.24 7.79
N GLY A 200 6.57 -15.04 7.30
CA GLY A 200 7.91 -14.50 7.26
C GLY A 200 8.27 -13.71 8.51
N PRO A 201 9.50 -13.14 8.50
CA PRO A 201 10.03 -12.45 9.69
C PRO A 201 9.46 -11.03 9.74
N THR A 202 8.32 -10.91 10.37
CA THR A 202 7.53 -9.68 10.32
C THR A 202 8.35 -8.47 10.81
N ARG A 203 9.16 -8.66 11.83
CA ARG A 203 9.97 -7.53 12.34
C ARG A 203 10.98 -7.09 11.28
N ALA A 204 11.61 -8.02 10.60
CA ALA A 204 12.58 -7.67 9.55
C ALA A 204 11.85 -6.94 8.44
N TYR A 205 10.61 -7.34 8.12
CA TYR A 205 9.84 -6.61 7.10
C TYR A 205 9.60 -5.20 7.59
N ALA A 206 9.14 -5.04 8.81
CA ALA A 206 8.76 -3.71 9.35
C ALA A 206 9.96 -2.77 9.31
N LEU A 207 11.08 -3.26 9.78
CA LEU A 207 12.29 -2.43 9.91
C LEU A 207 12.89 -2.12 8.54
N THR A 208 12.81 -3.06 7.61
CA THR A 208 13.24 -2.82 6.22
C THR A 208 12.39 -1.72 5.60
N LYS A 209 11.12 -1.73 5.83
CA LYS A 209 10.21 -0.69 5.28
C LYS A 209 10.62 0.68 5.79
N LYS A 210 11.03 0.78 7.03
CA LYS A 210 11.47 2.05 7.62
C LYS A 210 12.72 2.56 6.91
N LEU A 211 13.69 1.67 6.68
CA LEU A 211 14.91 2.06 5.95
C LEU A 211 14.59 2.56 4.56
N LEU A 212 13.69 1.86 3.88
CA LEU A 212 13.32 2.28 2.52
C LEU A 212 12.63 3.61 2.54
N LEU A 213 11.75 3.87 3.49
CA LEU A 213 10.97 5.13 3.50
C LEU A 213 11.92 6.33 3.65
N GLU A 214 13.02 6.15 4.36
CA GLU A 214 13.95 7.27 4.67
C GLU A 214 15.08 7.38 3.65
N THR A 215 15.36 6.37 2.83
CA THR A 215 16.70 6.19 2.14
C THR A 215 17.09 7.47 1.38
N TYR A 216 16.17 8.09 0.69
CA TYR A 216 16.61 9.14 -0.25
C TYR A 216 17.03 10.44 0.46
N ARG A 217 16.46 10.72 1.62
CA ARG A 217 16.76 11.99 2.31
C ARG A 217 17.97 11.89 3.22
N LEU A 218 18.47 10.68 3.46
CA LEU A 218 19.63 10.53 4.38
C LEU A 218 20.95 10.66 3.65
N SER A 219 21.92 11.24 4.33
CA SER A 219 23.32 11.08 3.91
C SER A 219 23.71 9.61 4.06
N LEU A 220 24.75 9.19 3.38
CA LEU A 220 25.27 7.84 3.61
C LEU A 220 25.59 7.65 5.09
N THR A 221 26.20 8.63 5.72
CA THR A 221 26.56 8.51 7.14
C THR A 221 25.30 8.26 8.01
N GLU A 222 24.26 9.03 7.73
CA GLU A 222 23.02 8.85 8.51
C GLU A 222 22.40 7.49 8.20
N ALA A 223 22.42 7.05 6.97
CA ALA A 223 21.83 5.76 6.58
C ALA A 223 22.59 4.64 7.27
N LEU A 224 23.91 4.70 7.32
CA LEU A 224 24.69 3.69 8.02
C LEU A 224 24.31 3.62 9.49
N ALA A 225 24.19 4.77 10.15
CA ALA A 225 23.81 4.83 11.57
C ALA A 225 22.43 4.22 11.78
N LEU A 226 21.50 4.47 10.87
CA LEU A 226 20.12 3.95 11.02
C LEU A 226 20.13 2.44 10.77
N GLU A 227 20.89 2.00 9.77
CA GLU A 227 21.07 0.55 9.58
C GLU A 227 21.60 -0.11 10.86
N ALA A 228 22.56 0.52 11.49
CA ALA A 228 23.14 -0.05 12.74
C ALA A 228 22.04 -0.15 13.81
N VAL A 229 21.29 0.91 14.03
CA VAL A 229 20.25 0.89 15.06
C VAL A 229 19.22 -0.18 14.75
N LEU A 230 18.72 -0.23 13.52
CA LEU A 230 17.61 -1.16 13.23
C LEU A 230 18.13 -2.60 13.16
N GLN A 231 19.33 -2.80 12.63
CA GLN A 231 19.89 -4.16 12.68
C GLN A 231 20.11 -4.59 14.14
N GLY A 232 20.44 -3.69 15.01
CA GLY A 232 20.58 -4.03 16.44
C GLY A 232 19.27 -4.57 16.95
N GLN A 233 18.17 -3.91 16.59
CA GLN A 233 16.81 -4.36 16.97
C GLN A 233 16.52 -5.71 16.31
N ALA A 234 16.71 -5.84 15.01
CA ALA A 234 16.40 -7.12 14.34
C ALA A 234 17.23 -8.29 14.93
N GLY A 235 18.45 -8.02 15.35
CA GLY A 235 19.36 -9.04 15.87
C GLY A 235 18.90 -9.55 17.21
N GLN A 236 18.06 -8.81 17.92
CA GLN A 236 17.59 -9.23 19.26
C GLN A 236 16.27 -9.99 19.17
N THR A 237 15.72 -10.18 17.98
CA THR A 237 14.44 -10.86 17.82
C THR A 237 14.62 -12.39 17.98
N GLN A 238 13.55 -13.05 18.40
CA GLN A 238 13.50 -14.51 18.38
C GLN A 238 13.64 -15.02 16.95
N ASP A 239 13.08 -14.29 15.98
CA ASP A 239 13.14 -14.74 14.58
C ASP A 239 14.58 -14.75 14.06
N HIS A 240 15.41 -13.79 14.47
CA HIS A 240 16.80 -13.86 13.98
C HIS A 240 17.49 -15.13 14.51
N GLU A 241 17.25 -15.46 15.76
CA GLU A 241 17.87 -16.69 16.37
C GLU A 241 17.43 -17.93 15.60
N GLU A 242 16.14 -17.96 15.26
CA GLU A 242 15.58 -19.04 14.43
C GLU A 242 16.19 -19.04 13.05
N GLY A 243 16.29 -17.87 12.44
CA GLY A 243 16.84 -17.77 11.08
C GLY A 243 18.26 -18.32 11.01
N VAL A 244 19.08 -18.04 12.02
CA VAL A 244 20.48 -18.52 12.04
C VAL A 244 20.48 -20.05 12.19
N ARG A 245 19.65 -20.56 13.09
CA ARG A 245 19.62 -22.03 13.26
C ARG A 245 19.15 -22.69 11.96
N ALA A 246 18.15 -22.16 11.28
CA ALA A 246 17.58 -22.79 10.08
C ALA A 246 18.63 -22.75 8.94
N PHE A 247 19.38 -21.67 8.79
CA PHE A 247 20.46 -21.61 7.79
C PHE A 247 21.55 -22.62 8.11
N ARG A 248 21.90 -22.78 9.39
CA ARG A 248 22.98 -23.73 9.74
C ARG A 248 22.52 -25.13 9.38
N GLU A 249 21.22 -25.41 9.55
CA GLU A 249 20.62 -26.78 9.36
C GLU A 249 20.16 -26.98 7.92
N LYS A 250 20.25 -25.93 7.13
CA LYS A 250 19.81 -25.88 5.71
C LYS A 250 18.40 -26.43 5.59
N ARG A 251 17.49 -25.80 6.34
CA ARG A 251 16.05 -26.13 6.36
C ARG A 251 15.31 -24.80 6.36
N PRO A 252 13.99 -24.81 6.05
CA PRO A 252 13.19 -23.60 6.15
C PRO A 252 13.09 -23.06 7.59
N PRO A 253 13.24 -21.73 7.73
CA PRO A 253 13.00 -21.13 9.04
C PRO A 253 11.50 -21.18 9.40
N ARG A 254 11.19 -21.21 10.71
CA ARG A 254 9.81 -21.13 11.27
C ARG A 254 9.64 -19.83 12.06
N PHE A 255 9.37 -18.77 11.34
CA PHE A 255 9.31 -17.41 11.92
C PHE A 255 7.97 -17.18 12.59
N GLN A 256 7.99 -16.31 13.62
CA GLN A 256 6.77 -15.99 14.41
C GLN A 256 6.46 -14.50 14.39
N GLY A 257 7.31 -13.63 13.85
CA GLY A 257 7.04 -12.19 13.83
C GLY A 257 7.43 -11.49 15.13
N ARG A 258 8.40 -12.02 15.84
CA ARG A 258 8.99 -11.37 17.04
C ARG A 258 10.39 -11.92 17.28
C1 GOL B . -18.69 -6.24 7.35
O1 GOL B . -19.71 -6.32 8.33
C2 GOL B . -17.46 -7.05 7.69
O2 GOL B . -16.51 -6.85 6.65
C3 GOL B . -16.82 -6.76 9.03
O3 GOL B . -15.69 -7.59 9.32
H11 GOL B . -18.43 -5.30 7.24
H12 GOL B . -19.05 -6.56 6.48
HO1 GOL B . -20.38 -5.86 8.09
H2 GOL B . -17.72 -8.00 7.69
HO2 GOL B . -15.77 -6.60 6.99
H31 GOL B . -17.49 -6.88 9.74
H32 GOL B . -16.53 -5.82 9.05
HO3 GOL B . -15.51 -8.06 8.64
C1 GOL C . -10.67 6.75 15.78
O1 GOL C . -10.65 8.04 16.39
C2 GOL C . -9.25 6.31 15.58
O2 GOL C . -9.19 5.09 14.82
C3 GOL C . -8.61 6.15 16.94
O3 GOL C . -7.21 6.01 16.82
H11 GOL C . -11.13 6.80 14.92
H12 GOL C . -11.14 6.11 16.37
HO1 GOL C . -11.45 8.29 16.49
H2 GOL C . -8.77 7.02 15.09
HO2 GOL C . -8.79 4.52 15.30
H31 GOL C . -8.98 5.35 17.38
H32 GOL C . -8.81 6.94 17.49
HO3 GOL C . -6.91 6.59 16.27
#